data_3G2Z
#
_entry.id   3G2Z
#
_cell.length_a   45.211
_cell.length_b   107.256
_cell.length_c   47.512
_cell.angle_alpha   90.000
_cell.angle_beta   101.680
_cell.angle_gamma   90.000
#
_symmetry.space_group_name_H-M   'P 1 21 1'
#
loop_
_entity.id
_entity.type
_entity.pdbx_description
1 polymer 'Beta-lactamase CTX-M-9a'
2 non-polymer 3-(1H-tetrazol-5-ylamino)cyclohex-2-en-1-one
3 non-polymer 'DIMETHYL SULFOXIDE'
4 water water
#
_entity_poly.entity_id   1
_entity_poly.type   'polypeptide(L)'
_entity_poly.pdbx_seq_one_letter_code
;QTSAVQQKLAALEKSSGGRLGVALIDTADNTQVLYRGDERFPMCSTSKVMAAAAVLKQSETQKQLLNQPVEIKPADLVNY
NPIAEKHVNGTMTLAELSAAALQYSDNTAMNKLIAQLGGPGGVTAFARAIGDETFRLDRTEPTLNTAIPGDPRDTTTPRA
MAQTLRQLTLGHALGETQRAQLVTWLKGNTTGAASIRAGLPTSWTAGDKTGSGDYGTTNDIAVIWPQGRAPLVLVTYFTQ
PQQNAESRRDVLASAARIIAEGL
;
_entity_poly.pdbx_strand_id   A,B
#
# COMPACT_ATOMS: atom_id res chain seq x y z
N THR A 2 -4.86 0.27 1.24
CA THR A 2 -4.39 1.30 0.27
C THR A 2 -3.10 1.98 0.77
N SER A 3 -2.09 2.02 -0.08
CA SER A 3 -0.82 2.62 0.27
C SER A 3 -0.72 4.07 -0.21
N ALA A 4 0.28 4.78 0.30
CA ALA A 4 0.59 6.13 -0.12
C ALA A 4 0.88 6.16 -1.62
N VAL A 5 1.68 5.19 -2.07
CA VAL A 5 2.02 5.08 -3.48
C VAL A 5 0.78 4.85 -4.33
N GLN A 6 -0.14 3.98 -3.87
CA GLN A 6 -1.41 3.79 -4.57
C GLN A 6 -2.23 5.08 -4.64
N GLN A 7 -2.18 5.88 -3.58
CA GLN A 7 -2.91 7.15 -3.59
C GLN A 7 -2.30 8.17 -4.53
N LYS A 8 -0.97 8.17 -4.63
CA LYS A 8 -0.30 9.02 -5.62
C LYS A 8 -0.65 8.59 -7.05
N LEU A 9 -0.61 7.28 -7.30
CA LEU A 9 -1.02 6.75 -8.59
C LEU A 9 -2.48 7.07 -8.90
N ALA A 10 -3.34 6.99 -7.89
CA ALA A 10 -4.74 7.40 -8.09
C ALA A 10 -4.91 8.87 -8.51
N ALA A 11 -4.13 9.76 -7.90
CA ALA A 11 -4.14 11.19 -8.23
C ALA A 11 -3.65 11.43 -9.66
N LEU A 12 -2.58 10.71 -10.03
CA LEU A 12 -2.09 10.78 -11.39
C LEU A 12 -3.17 10.33 -12.37
N GLU A 13 -3.80 9.19 -12.08
CA GLU A 13 -4.84 8.65 -12.94
C GLU A 13 -5.99 9.66 -13.08
N LYS A 14 -6.42 10.23 -11.96
CA LYS A 14 -7.51 11.21 -11.97
CA LYS A 14 -7.51 11.21 -11.97
C LYS A 14 -7.20 12.40 -12.89
N SER A 15 -6.00 12.95 -12.78
CA SER A 15 -5.60 14.09 -13.62
C SER A 15 -5.43 13.72 -15.09
N SER A 16 -5.17 12.44 -15.35
CA SER A 16 -4.83 11.97 -16.69
C SER A 16 -6.07 11.82 -17.58
N GLY A 17 -7.21 11.63 -16.94
CA GLY A 17 -8.45 11.38 -17.65
C GLY A 17 -8.69 9.94 -18.07
N GLY A 18 -7.69 9.08 -17.91
CA GLY A 18 -7.81 7.71 -18.39
C GLY A 18 -7.80 6.70 -17.26
N ARG A 19 -7.38 5.47 -17.60
CA ARG A 19 -7.32 4.34 -16.67
C ARG A 19 -5.89 3.81 -16.68
N LEU A 20 -5.30 3.73 -15.49
CA LEU A 20 -3.88 3.41 -15.31
C LEU A 20 -3.75 2.07 -14.58
N GLY A 21 -2.85 1.22 -15.05
CA GLY A 21 -2.53 -0.06 -14.41
C GLY A 21 -1.04 -0.14 -14.17
N VAL A 22 -0.65 -0.48 -12.94
CA VAL A 22 0.77 -0.54 -12.58
C VAL A 22 1.02 -1.82 -11.80
N ALA A 23 2.13 -2.49 -12.11
CA ALA A 23 2.60 -3.60 -11.29
C ALA A 23 4.11 -3.52 -11.17
N LEU A 24 4.59 -3.46 -9.93
CA LEU A 24 6.02 -3.49 -9.64
C LEU A 24 6.34 -4.77 -8.89
N ILE A 25 7.40 -5.46 -9.30
CA ILE A 25 8.02 -6.48 -8.45
C ILE A 25 9.42 -6.00 -8.12
N ASP A 26 9.71 -5.89 -6.82
CA ASP A 26 11.04 -5.56 -6.37
C ASP A 26 11.69 -6.86 -5.96
N THR A 27 12.69 -7.32 -6.73
CA THR A 27 13.32 -8.61 -6.46
C THR A 27 14.23 -8.59 -5.22
N ALA A 28 14.41 -7.42 -4.61
CA ALA A 28 15.16 -7.32 -3.34
C ALA A 28 14.48 -8.11 -2.24
N ASP A 29 13.15 -8.12 -2.25
CA ASP A 29 12.33 -8.79 -1.24
C ASP A 29 11.09 -9.50 -1.82
N ASN A 30 10.95 -9.41 -3.15
CA ASN A 30 9.82 -9.99 -3.89
C ASN A 30 8.46 -9.39 -3.54
N THR A 31 8.48 -8.18 -2.98
CA THR A 31 7.25 -7.45 -2.70
C THR A 31 6.74 -6.78 -3.97
N GLN A 32 5.47 -6.41 -3.92
CA GLN A 32 4.77 -5.93 -5.10
C GLN A 32 3.98 -4.68 -4.75
N VAL A 33 3.93 -3.75 -5.70
CA VAL A 33 3.01 -2.64 -5.64
C VAL A 33 2.12 -2.82 -6.84
N LEU A 34 0.82 -2.82 -6.59
CA LEU A 34 -0.18 -2.98 -7.64
C LEU A 34 -1.14 -1.80 -7.65
N TYR A 35 -1.49 -1.35 -8.84
CA TYR A 35 -2.55 -0.38 -9.01
C TYR A 35 -3.39 -0.88 -10.19
N ARG A 36 -4.65 -1.24 -9.92
CA ARG A 36 -5.48 -1.94 -10.92
C ARG A 36 -4.72 -3.14 -11.47
N GLY A 37 -4.05 -3.84 -10.56
CA GLY A 37 -3.16 -4.93 -10.93
C GLY A 37 -3.88 -6.11 -11.56
N ASP A 38 -5.16 -6.26 -11.28
CA ASP A 38 -5.91 -7.39 -11.80
C ASP A 38 -6.96 -7.01 -12.84
N GLU A 39 -6.87 -5.78 -13.34
CA GLU A 39 -7.73 -5.33 -14.42
C GLU A 39 -7.05 -5.57 -15.76
N ARG A 40 -7.84 -5.91 -16.77
CA ARG A 40 -7.30 -6.12 -18.12
C ARG A 40 -7.06 -4.84 -18.88
N PHE A 41 -5.96 -4.82 -19.61
CA PHE A 41 -5.60 -3.72 -20.50
C PHE A 41 -5.14 -4.29 -21.83
N PRO A 42 -5.33 -3.54 -22.92
CA PRO A 42 -4.81 -3.99 -24.20
C PRO A 42 -3.29 -3.93 -24.19
N MET A 43 -2.64 -5.01 -24.61
CA MET A 43 -1.17 -5.04 -24.54
C MET A 43 -0.48 -4.22 -25.62
N CYS A 44 -1.12 -4.15 -26.79
CA CYS A 44 -0.49 -3.56 -27.98
C CYS A 44 0.91 -4.15 -28.13
N SER A 45 1.91 -3.34 -28.51
CA SER A 45 3.22 -3.92 -28.83
C SER A 45 3.98 -4.56 -27.67
N THR A 46 3.49 -4.41 -26.44
CA THR A 46 4.16 -5.07 -25.31
C THR A 46 4.06 -6.60 -25.48
N SER A 47 3.06 -7.06 -26.26
CA SER A 47 2.91 -8.49 -26.57
C SER A 47 4.09 -9.05 -27.37
N LYS A 48 4.87 -8.17 -28.01
CA LYS A 48 6.05 -8.60 -28.77
C LYS A 48 7.07 -9.32 -27.89
N VAL A 49 7.12 -8.99 -26.61
CA VAL A 49 8.04 -9.70 -25.70
C VAL A 49 7.65 -11.17 -25.60
N MET A 50 6.36 -11.46 -25.46
CA MET A 50 5.93 -12.86 -25.37
C MET A 50 6.22 -13.64 -26.65
N ALA A 51 6.01 -12.99 -27.81
CA ALA A 51 6.26 -13.66 -29.09
C ALA A 51 7.77 -13.94 -29.30
N ALA A 52 8.60 -12.94 -29.03
CA ALA A 52 10.04 -13.11 -29.16
C ALA A 52 10.53 -14.18 -28.18
N ALA A 53 10.01 -14.18 -26.96
CA ALA A 53 10.41 -15.17 -25.97
C ALA A 53 10.01 -16.60 -26.39
N ALA A 54 8.84 -16.73 -27.02
CA ALA A 54 8.37 -18.05 -27.47
C ALA A 54 9.28 -18.62 -28.55
N VAL A 55 9.74 -17.75 -29.45
CA VAL A 55 10.71 -18.14 -30.47
C VAL A 55 12.06 -18.51 -29.84
N LEU A 56 12.50 -17.73 -28.85
CA LEU A 56 13.70 -18.10 -28.08
C LEU A 56 13.53 -19.48 -27.45
N LYS A 57 12.37 -19.76 -26.89
CA LYS A 57 12.13 -21.09 -26.32
C LYS A 57 12.30 -22.18 -27.37
N GLN A 58 11.73 -21.97 -28.57
CA GLN A 58 11.84 -22.94 -29.64
C GLN A 58 13.31 -23.16 -30.00
N SER A 59 14.10 -22.07 -29.93
CA SER A 59 15.52 -22.16 -30.29
C SER A 59 16.33 -23.03 -29.33
N GLU A 60 15.78 -23.31 -28.15
CA GLU A 60 16.47 -24.17 -27.18
C GLU A 60 16.63 -25.59 -27.70
N THR A 61 15.74 -26.01 -28.59
CA THR A 61 15.82 -27.35 -29.16
C THR A 61 16.15 -27.35 -30.65
N GLN A 62 16.31 -26.14 -31.20
CA GLN A 62 16.81 -25.95 -32.57
C GLN A 62 17.88 -24.87 -32.53
N LYS A 63 19.12 -25.30 -32.36
CA LYS A 63 20.24 -24.37 -32.20
C LYS A 63 20.32 -23.30 -33.28
N GLN A 64 19.93 -23.66 -34.51
CA GLN A 64 20.07 -22.76 -35.66
C GLN A 64 18.81 -21.97 -36.00
N LEU A 65 17.77 -22.12 -35.19
CA LEU A 65 16.49 -21.52 -35.52
C LEU A 65 16.56 -20.00 -35.76
N LEU A 66 17.34 -19.29 -34.95
CA LEU A 66 17.42 -17.83 -35.09
C LEU A 66 18.07 -17.41 -36.41
N ASN A 67 18.75 -18.34 -37.07
CA ASN A 67 19.33 -18.07 -38.39
C ASN A 67 18.43 -18.46 -39.56
N GLN A 68 17.24 -18.97 -39.26
CA GLN A 68 16.28 -19.39 -40.29
CA GLN A 68 16.29 -19.38 -40.30
C GLN A 68 15.71 -18.18 -41.03
N PRO A 69 15.80 -18.17 -42.38
CA PRO A 69 15.29 -17.06 -43.17
C PRO A 69 13.78 -17.10 -43.30
N VAL A 70 13.18 -15.92 -43.37
CA VAL A 70 11.74 -15.80 -43.57
C VAL A 70 11.53 -14.79 -44.68
N GLU A 71 10.75 -15.17 -45.67
CA GLU A 71 10.46 -14.27 -46.79
C GLU A 71 9.60 -13.08 -46.38
N ILE A 72 10.00 -11.90 -46.83
CA ILE A 72 9.22 -10.68 -46.64
C ILE A 72 8.73 -10.24 -48.02
N LYS A 73 7.41 -10.28 -48.19
CA LYS A 73 6.79 -9.91 -49.46
CA LYS A 73 6.78 -9.90 -49.46
C LYS A 73 6.12 -8.54 -49.35
N PRO A 74 5.98 -7.81 -50.49
CA PRO A 74 5.30 -6.52 -50.40
C PRO A 74 3.95 -6.60 -49.70
N ALA A 75 3.21 -7.69 -49.93
CA ALA A 75 1.88 -7.87 -49.33
C ALA A 75 1.91 -8.07 -47.81
N ASP A 76 3.07 -8.42 -47.28
CA ASP A 76 3.24 -8.66 -45.84
C ASP A 76 3.29 -7.36 -45.04
N LEU A 77 3.66 -6.26 -45.68
CA LEU A 77 3.86 -5.00 -44.97
C LEU A 77 2.55 -4.51 -44.38
N VAL A 78 2.58 -4.16 -43.09
CA VAL A 78 1.41 -3.62 -42.43
C VAL A 78 1.61 -2.11 -42.16
N ASN A 79 1.22 -1.63 -40.98
CA ASN A 79 1.12 -0.20 -40.72
C ASN A 79 2.37 0.47 -40.14
N TYR A 80 3.35 -0.34 -39.74
CA TYR A 80 4.55 0.19 -39.11
C TYR A 80 5.68 -0.81 -39.25
N ASN A 81 6.55 -0.55 -40.22
CA ASN A 81 7.49 -1.55 -40.70
C ASN A 81 8.88 -0.94 -40.97
N PRO A 82 9.45 -0.22 -39.97
CA PRO A 82 10.69 0.52 -40.19
C PRO A 82 11.87 -0.33 -40.64
N ILE A 83 11.89 -1.60 -40.23
CA ILE A 83 12.96 -2.52 -40.61
C ILE A 83 12.53 -3.40 -41.79
N ALA A 84 11.34 -3.99 -41.68
CA ALA A 84 10.90 -4.94 -42.70
C ALA A 84 10.79 -4.32 -44.09
N GLU A 85 10.46 -3.03 -44.17
CA GLU A 85 10.30 -2.39 -45.48
C GLU A 85 11.61 -2.38 -46.28
N LYS A 86 12.73 -2.45 -45.57
CA LYS A 86 14.06 -2.44 -46.18
C LYS A 86 14.42 -3.80 -46.80
N HIS A 87 13.70 -4.84 -46.39
CA HIS A 87 14.03 -6.21 -46.77
C HIS A 87 12.98 -6.92 -47.62
N VAL A 88 12.01 -6.13 -48.08
CA VAL A 88 10.94 -6.62 -48.95
CA VAL A 88 10.93 -6.61 -48.93
C VAL A 88 11.51 -7.25 -50.21
N ASN A 89 10.88 -8.34 -50.66
CA ASN A 89 11.38 -9.16 -51.77
C ASN A 89 12.69 -9.89 -51.47
N GLY A 90 13.09 -9.87 -50.20
CA GLY A 90 14.20 -10.69 -49.70
C GLY A 90 13.75 -11.44 -48.47
N THR A 91 14.69 -11.69 -47.56
CA THR A 91 14.40 -12.43 -46.33
C THR A 91 14.99 -11.74 -45.12
N MET A 92 14.45 -12.08 -43.96
CA MET A 92 15.08 -11.73 -42.69
C MET A 92 15.12 -12.98 -41.83
N THR A 93 16.15 -13.12 -41.01
CA THR A 93 16.22 -14.27 -40.12
C THR A 93 15.30 -14.05 -38.93
N LEU A 94 15.01 -15.12 -38.19
CA LEU A 94 14.18 -14.99 -37.00
C LEU A 94 14.85 -14.12 -35.93
N ALA A 95 16.17 -14.12 -35.87
CA ALA A 95 16.87 -13.19 -34.97
C ALA A 95 16.64 -11.74 -35.41
N GLU A 96 16.76 -11.48 -36.71
CA GLU A 96 16.56 -10.14 -37.22
C GLU A 96 15.13 -9.69 -36.96
N LEU A 97 14.18 -10.61 -37.12
CA LEU A 97 12.77 -10.28 -36.91
C LEU A 97 12.51 -10.03 -35.42
N SER A 98 13.12 -10.84 -34.57
CA SER A 98 12.99 -10.64 -33.12
C SER A 98 13.53 -9.28 -32.69
N ALA A 99 14.73 -8.94 -33.18
CA ALA A 99 15.34 -7.65 -32.87
C ALA A 99 14.50 -6.49 -33.41
N ALA A 100 14.00 -6.63 -34.63
CA ALA A 100 13.19 -5.56 -35.22
C ALA A 100 11.90 -5.34 -34.43
N ALA A 101 11.25 -6.44 -34.07
CA ALA A 101 10.04 -6.36 -33.27
C ALA A 101 10.31 -5.70 -31.91
N LEU A 102 11.33 -6.16 -31.23
CA LEU A 102 11.56 -5.68 -29.87
C LEU A 102 12.15 -4.29 -29.82
N GLN A 103 13.14 -4.01 -30.67
CA GLN A 103 13.90 -2.76 -30.55
C GLN A 103 13.35 -1.61 -31.38
N TYR A 104 12.57 -1.94 -32.41
CA TYR A 104 11.97 -0.91 -33.25
C TYR A 104 10.44 -0.98 -33.28
N SER A 105 9.87 -2.00 -32.63
CA SER A 105 8.41 -2.16 -32.62
C SER A 105 7.86 -2.42 -34.04
N ASP A 106 8.63 -3.14 -34.86
CA ASP A 106 8.23 -3.46 -36.24
C ASP A 106 7.07 -4.46 -36.26
N ASN A 107 5.95 -4.05 -36.85
CA ASN A 107 4.71 -4.84 -36.85
C ASN A 107 4.73 -6.00 -37.83
N THR A 108 5.40 -5.81 -38.97
CA THR A 108 5.57 -6.92 -39.90
C THR A 108 6.43 -8.00 -39.24
N ALA A 109 7.48 -7.56 -38.54
CA ALA A 109 8.34 -8.53 -37.82
C ALA A 109 7.53 -9.34 -36.81
N MET A 110 6.67 -8.66 -36.06
CA MET A 110 5.80 -9.36 -35.11
C MET A 110 4.93 -10.39 -35.82
N ASN A 111 4.35 -10.03 -36.98
CA ASN A 111 3.49 -11.01 -37.67
C ASN A 111 4.25 -12.26 -38.08
N LYS A 112 5.53 -12.10 -38.43
CA LYS A 112 6.37 -13.25 -38.76
C LYS A 112 6.69 -14.11 -37.53
N LEU A 113 6.89 -13.46 -36.37
CA LEU A 113 7.05 -14.22 -35.13
C LEU A 113 5.77 -14.98 -34.79
N ILE A 114 4.63 -14.32 -34.93
CA ILE A 114 3.35 -14.98 -34.66
C ILE A 114 3.17 -16.20 -35.60
N ALA A 115 3.49 -16.03 -36.88
CA ALA A 115 3.37 -17.14 -37.85
C ALA A 115 4.27 -18.31 -37.49
N GLN A 116 5.48 -17.99 -37.02
CA GLN A 116 6.44 -19.01 -36.63
C GLN A 116 5.92 -19.86 -35.45
N LEU A 117 5.02 -19.27 -34.67
CA LEU A 117 4.45 -19.94 -33.49
C LEU A 117 3.11 -20.61 -33.81
N GLY A 118 2.67 -20.48 -35.07
CA GLY A 118 1.43 -21.12 -35.53
C GLY A 118 0.21 -20.24 -35.39
N GLY A 119 0.42 -18.95 -35.17
CA GLY A 119 -0.70 -18.02 -35.00
C GLY A 119 -0.77 -17.45 -33.60
N PRO A 120 -1.68 -16.47 -33.36
CA PRO A 120 -1.78 -15.85 -32.05
C PRO A 120 -1.93 -16.85 -30.89
N GLY A 121 -2.70 -17.92 -31.12
CA GLY A 121 -2.91 -18.95 -30.11
C GLY A 121 -1.63 -19.67 -29.72
N GLY A 122 -0.65 -19.70 -30.63
CA GLY A 122 0.67 -20.28 -30.34
C GLY A 122 1.43 -19.45 -29.33
N VAL A 123 1.22 -18.13 -29.38
CA VAL A 123 1.86 -17.24 -28.42
C VAL A 123 1.20 -17.43 -27.05
N THR A 124 -0.14 -17.49 -27.03
CA THR A 124 -0.88 -17.76 -25.81
C THR A 124 -0.46 -19.10 -25.19
N ALA A 125 -0.28 -20.12 -26.03
CA ALA A 125 0.15 -21.42 -25.52
C ALA A 125 1.51 -21.37 -24.81
N PHE A 126 2.44 -20.58 -25.35
CA PHE A 126 3.71 -20.38 -24.67
C PHE A 126 3.52 -19.69 -23.32
N ALA A 127 2.68 -18.65 -23.30
CA ALA A 127 2.34 -17.97 -22.05
C ALA A 127 1.89 -18.98 -21.00
N ARG A 128 0.97 -19.86 -21.37
CA ARG A 128 0.46 -20.87 -20.43
C ARG A 128 1.59 -21.79 -19.99
N ALA A 129 2.46 -22.16 -20.91
CA ALA A 129 3.57 -23.07 -20.63
C ALA A 129 4.52 -22.50 -19.57
N ILE A 130 4.60 -21.17 -19.50
CA ILE A 130 5.45 -20.55 -18.50
C ILE A 130 4.69 -20.03 -17.27
N GLY A 131 3.44 -20.45 -17.13
CA GLY A 131 2.66 -20.19 -15.92
C GLY A 131 1.82 -18.92 -15.96
N ASP A 132 1.71 -18.31 -17.13
CA ASP A 132 0.88 -17.13 -17.29
C ASP A 132 -0.48 -17.59 -17.79
N GLU A 133 -1.47 -17.52 -16.89
CA GLU A 133 -2.84 -17.96 -17.20
CA GLU A 133 -2.85 -17.95 -17.17
C GLU A 133 -3.72 -16.79 -17.63
N THR A 134 -3.14 -15.60 -17.75
CA THR A 134 -3.91 -14.38 -17.97
C THR A 134 -3.75 -13.80 -19.38
N PHE A 135 -2.51 -13.77 -19.84
CA PHE A 135 -2.18 -13.30 -21.19
C PHE A 135 -3.05 -14.00 -22.24
N ARG A 136 -3.56 -13.23 -23.19
CA ARG A 136 -4.15 -13.83 -24.38
C ARG A 136 -3.83 -13.00 -25.60
N LEU A 137 -3.32 -13.65 -26.63
CA LEU A 137 -3.14 -13.01 -27.92
C LEU A 137 -4.15 -13.67 -28.86
N ASP A 138 -4.99 -12.84 -29.49
CA ASP A 138 -6.11 -13.32 -30.31
C ASP A 138 -5.96 -12.93 -31.77
N ARG A 139 -5.24 -11.85 -32.03
CA ARG A 139 -5.16 -11.32 -33.40
C ARG A 139 -3.72 -11.00 -33.77
N THR A 140 -3.50 -10.75 -35.05
CA THR A 140 -2.18 -10.35 -35.56
C THR A 140 -2.11 -8.82 -35.60
N GLU A 141 -0.97 -8.28 -36.03
CA GLU A 141 -0.86 -6.84 -36.33
C GLU A 141 -1.54 -6.54 -37.66
N PRO A 142 -2.24 -5.38 -37.76
CA PRO A 142 -2.41 -4.34 -36.75
C PRO A 142 -3.66 -4.42 -35.88
N THR A 143 -4.55 -5.38 -36.16
CA THR A 143 -5.85 -5.35 -35.47
C THR A 143 -5.77 -5.67 -33.98
N LEU A 144 -4.66 -6.29 -33.52
CA LEU A 144 -4.51 -6.51 -32.09
C LEU A 144 -4.45 -5.20 -31.28
N ASN A 145 -4.38 -4.05 -31.97
CA ASN A 145 -4.29 -2.74 -31.30
C ASN A 145 -5.60 -1.95 -31.24
N THR A 146 -6.73 -2.57 -31.54
CA THR A 146 -8.01 -1.85 -31.53
C THR A 146 -8.33 -1.34 -30.13
N ALA A 147 -7.90 -2.08 -29.10
CA ALA A 147 -7.93 -1.58 -27.72
C ALA A 147 -9.30 -1.12 -27.24
N ILE A 148 -10.36 -1.82 -27.68
CA ILE A 148 -11.73 -1.40 -27.37
C ILE A 148 -12.01 -1.63 -25.89
N PRO A 149 -12.51 -0.60 -25.17
CA PRO A 149 -12.81 -0.84 -23.76
C PRO A 149 -13.72 -2.04 -23.57
N GLY A 150 -13.39 -2.89 -22.60
CA GLY A 150 -14.20 -4.05 -22.26
C GLY A 150 -13.91 -5.30 -23.08
N ASP A 151 -13.17 -5.14 -24.17
CA ASP A 151 -12.83 -6.23 -25.07
C ASP A 151 -11.65 -7.02 -24.49
N PRO A 152 -11.83 -8.33 -24.23
CA PRO A 152 -10.74 -9.15 -23.66
C PRO A 152 -9.66 -9.56 -24.66
N ARG A 153 -9.91 -9.41 -25.95
CA ARG A 153 -8.91 -9.81 -26.94
C ARG A 153 -7.61 -9.06 -26.77
N ASP A 154 -6.49 -9.79 -26.80
CA ASP A 154 -5.16 -9.17 -26.84
C ASP A 154 -4.91 -8.32 -25.60
N THR A 155 -5.31 -8.85 -24.45
CA THR A 155 -5.13 -8.19 -23.17
C THR A 155 -4.38 -9.05 -22.18
N THR A 156 -3.88 -8.39 -21.15
CA THR A 156 -3.43 -9.05 -19.94
C THR A 156 -3.64 -8.10 -18.77
N THR A 157 -3.21 -8.52 -17.57
CA THR A 157 -3.26 -7.64 -16.40
C THR A 157 -1.84 -7.21 -16.05
N PRO A 158 -1.70 -6.05 -15.37
CA PRO A 158 -0.34 -5.65 -14.95
C PRO A 158 0.32 -6.70 -14.06
N ARG A 159 -0.41 -7.29 -13.12
CA ARG A 159 0.15 -8.31 -12.23
C ARG A 159 0.74 -9.48 -13.03
N ALA A 160 -0.03 -10.01 -13.99
CA ALA A 160 0.43 -11.16 -14.77
C ALA A 160 1.64 -10.83 -15.64
N MET A 161 1.61 -9.67 -16.28
CA MET A 161 2.70 -9.28 -17.17
CA MET A 161 2.70 -9.28 -17.17
C MET A 161 4.00 -9.04 -16.39
N ALA A 162 3.88 -8.47 -15.19
CA ALA A 162 5.07 -8.25 -14.38
C ALA A 162 5.70 -9.59 -13.96
N GLN A 163 4.85 -10.52 -13.54
CA GLN A 163 5.33 -11.85 -13.15
C GLN A 163 6.02 -12.53 -14.33
N THR A 164 5.38 -12.49 -15.49
CA THR A 164 5.93 -13.11 -16.69
C THR A 164 7.24 -12.47 -17.10
N LEU A 165 7.31 -11.14 -17.11
CA LEU A 165 8.55 -10.48 -17.50
C LEU A 165 9.68 -10.83 -16.54
N ARG A 166 9.35 -10.94 -15.26
CA ARG A 166 10.32 -11.37 -14.25
C ARG A 166 10.87 -12.78 -14.57
N GLN A 167 9.97 -13.73 -14.82
CA GLN A 167 10.39 -15.10 -15.11
C GLN A 167 11.23 -15.19 -16.38
N LEU A 168 10.88 -14.39 -17.38
CA LEU A 168 11.59 -14.40 -18.66
C LEU A 168 12.98 -13.79 -18.58
N THR A 169 13.11 -12.70 -17.82
CA THR A 169 14.36 -11.90 -17.84
C THR A 169 15.28 -12.15 -16.66
N LEU A 170 14.71 -12.57 -15.53
CA LEU A 170 15.50 -12.74 -14.31
C LEU A 170 15.37 -14.15 -13.75
N GLY A 171 14.35 -14.88 -14.20
CA GLY A 171 14.12 -16.25 -13.75
C GLY A 171 14.53 -17.29 -14.76
N HIS A 172 13.89 -18.45 -14.69
CA HIS A 172 14.32 -19.62 -15.47
C HIS A 172 13.28 -20.11 -16.48
N ALA A 173 12.42 -19.20 -16.94
CA ALA A 173 11.45 -19.56 -17.97
C ALA A 173 12.15 -19.91 -19.29
N LEU A 174 13.30 -19.27 -19.54
CA LEU A 174 14.16 -19.54 -20.70
C LEU A 174 15.50 -20.12 -20.27
N GLY A 175 16.18 -20.84 -21.18
CA GLY A 175 17.57 -21.24 -20.95
C GLY A 175 18.44 -20.00 -20.76
N GLU A 176 19.62 -20.19 -20.15
CA GLU A 176 20.48 -19.04 -19.83
C GLU A 176 20.86 -18.22 -21.06
N THR A 177 21.27 -18.88 -22.13
CA THR A 177 21.64 -18.19 -23.38
C THR A 177 20.46 -17.35 -23.90
N GLN A 178 19.29 -17.96 -23.87
CA GLN A 178 18.09 -17.30 -24.38
C GLN A 178 17.66 -16.11 -23.52
N ARG A 179 17.74 -16.27 -22.20
CA ARG A 179 17.43 -15.22 -21.25
C ARG A 179 18.34 -14.02 -21.50
N ALA A 180 19.64 -14.29 -21.64
CA ALA A 180 20.62 -13.24 -21.91
C ALA A 180 20.34 -12.51 -23.22
N GLN A 181 19.95 -13.26 -24.25
CA GLN A 181 19.59 -12.67 -25.55
C GLN A 181 18.39 -11.75 -25.41
N LEU A 182 17.37 -12.20 -24.69
CA LEU A 182 16.18 -11.40 -24.51
C LEU A 182 16.53 -10.10 -23.78
N VAL A 183 17.30 -10.21 -22.71
CA VAL A 183 17.71 -9.04 -21.96
C VAL A 183 18.55 -8.08 -22.84
N THR A 184 19.48 -8.63 -23.60
CA THR A 184 20.28 -7.84 -24.53
C THR A 184 19.38 -7.07 -25.49
N TRP A 185 18.38 -7.74 -26.04
CA TRP A 185 17.47 -7.06 -26.96
C TRP A 185 16.70 -5.93 -26.27
N LEU A 186 16.14 -6.20 -25.10
CA LEU A 186 15.38 -5.20 -24.36
C LEU A 186 16.23 -3.99 -23.98
N LYS A 187 17.47 -4.23 -23.58
CA LYS A 187 18.38 -3.14 -23.20
C LYS A 187 18.77 -2.29 -24.40
N GLY A 188 18.65 -2.87 -25.60
CA GLY A 188 18.90 -2.14 -26.86
C GLY A 188 17.68 -1.48 -27.48
N ASN A 189 16.56 -1.45 -26.76
CA ASN A 189 15.36 -0.81 -27.28
C ASN A 189 15.63 0.63 -27.71
N THR A 190 15.03 1.04 -28.83
CA THR A 190 15.15 2.43 -29.28
C THR A 190 13.98 3.30 -28.93
N THR A 191 12.89 2.71 -28.47
CA THR A 191 11.64 3.47 -28.38
C THR A 191 11.24 3.96 -26.99
N GLY A 192 12.08 3.75 -26.00
CA GLY A 192 11.62 3.86 -24.61
C GLY A 192 11.98 5.07 -23.77
N ALA A 193 12.71 6.03 -24.33
CA ALA A 193 13.28 7.10 -23.50
C ALA A 193 12.23 8.04 -22.88
N ALA A 194 11.03 8.08 -23.45
CA ALA A 194 9.95 8.97 -22.95
C ALA A 194 8.97 8.28 -22.01
N SER A 195 9.13 6.99 -21.78
CA SER A 195 8.12 6.24 -21.06
C SER A 195 8.59 5.91 -19.65
N ILE A 196 8.54 4.66 -19.20
CA ILE A 196 8.97 4.35 -17.83
C ILE A 196 10.35 4.96 -17.52
N ARG A 197 11.28 4.79 -18.45
CA ARG A 197 12.66 5.16 -18.17
C ARG A 197 12.87 6.66 -17.96
N ALA A 198 11.95 7.48 -18.49
CA ALA A 198 11.99 8.92 -18.25
C ALA A 198 11.75 9.28 -16.79
N GLY A 199 11.11 8.37 -16.05
CA GLY A 199 10.80 8.63 -14.66
C GLY A 199 11.80 8.08 -13.67
N LEU A 200 12.87 7.45 -14.17
CA LEU A 200 13.85 6.79 -13.33
C LEU A 200 15.11 7.62 -13.17
N PRO A 201 15.82 7.47 -12.03
CA PRO A 201 17.13 8.13 -11.90
C PRO A 201 18.02 7.68 -13.05
N THR A 202 18.77 8.61 -13.63
CA THR A 202 19.52 8.32 -14.85
C THR A 202 20.67 7.33 -14.65
N SER A 203 21.15 7.21 -13.41
CA SER A 203 22.22 6.27 -13.08
C SER A 203 21.77 4.81 -13.18
N TRP A 204 20.46 4.59 -13.16
CA TRP A 204 19.91 3.26 -13.27
C TRP A 204 19.99 2.79 -14.73
N THR A 205 20.03 1.48 -14.93
CA THR A 205 19.95 0.95 -16.29
C THR A 205 18.66 0.14 -16.43
N ALA A 206 18.23 -0.09 -17.66
CA ALA A 206 16.96 -0.76 -17.90
C ALA A 206 16.84 -1.26 -19.32
N GLY A 207 15.95 -2.22 -19.50
CA GLY A 207 15.47 -2.59 -20.83
C GLY A 207 13.96 -2.45 -20.78
N ASP A 208 13.34 -2.19 -21.92
CA ASP A 208 11.89 -2.05 -21.93
C ASP A 208 11.30 -2.36 -23.29
N LYS A 209 9.99 -2.57 -23.28
CA LYS A 209 9.21 -2.67 -24.52
C LYS A 209 7.95 -1.81 -24.40
N THR A 210 7.82 -0.84 -25.30
CA THR A 210 6.67 0.06 -25.33
C THR A 210 5.54 -0.52 -26.17
N GLY A 211 4.37 0.08 -26.06
CA GLY A 211 3.27 -0.22 -26.97
C GLY A 211 2.29 0.93 -26.98
N SER A 212 1.57 1.07 -28.09
CA SER A 212 0.49 2.03 -28.16
C SER A 212 -0.55 1.54 -29.14
N GLY A 213 -1.74 2.10 -29.06
CA GLY A 213 -2.83 1.64 -29.89
C GLY A 213 -3.98 2.63 -29.85
N ASP A 214 -5.14 2.18 -30.34
CA ASP A 214 -6.32 3.05 -30.29
C ASP A 214 -6.73 3.31 -28.84
N TYR A 215 -7.69 4.22 -28.65
CA TYR A 215 -8.10 4.65 -27.31
C TYR A 215 -6.95 5.30 -26.52
N GLY A 216 -6.02 5.92 -27.24
CA GLY A 216 -4.87 6.55 -26.61
C GLY A 216 -4.09 5.59 -25.73
N THR A 217 -4.15 4.31 -26.07
CA THR A 217 -3.48 3.30 -25.25
C THR A 217 -1.97 3.52 -25.32
N THR A 218 -1.34 3.56 -24.16
CA THR A 218 0.09 3.86 -24.07
C THR A 218 0.66 2.99 -22.95
N ASN A 219 1.58 2.10 -23.33
CA ASN A 219 2.08 1.07 -22.43
C ASN A 219 3.59 0.98 -22.42
N ASP A 220 4.14 0.41 -21.35
CA ASP A 220 5.57 0.12 -21.30
C ASP A 220 5.76 -0.97 -20.27
N ILE A 221 6.65 -1.92 -20.56
CA ILE A 221 7.05 -2.91 -19.56
C ILE A 221 8.57 -2.90 -19.50
N ALA A 222 9.11 -2.93 -18.30
CA ALA A 222 10.56 -2.73 -18.12
C ALA A 222 11.16 -3.65 -17.09
N VAL A 223 12.42 -4.04 -17.32
CA VAL A 223 13.24 -4.66 -16.29
C VAL A 223 14.32 -3.63 -15.98
N ILE A 224 14.54 -3.39 -14.69
CA ILE A 224 15.31 -2.22 -14.24
C ILE A 224 16.40 -2.66 -13.27
N TRP A 225 17.61 -2.14 -13.46
CA TRP A 225 18.73 -2.38 -12.55
C TRP A 225 19.09 -1.09 -11.84
N PRO A 226 18.51 -0.86 -10.65
CA PRO A 226 18.82 0.37 -9.93
C PRO A 226 20.26 0.36 -9.43
N GLN A 227 20.80 1.54 -9.16
CA GLN A 227 22.11 1.65 -8.58
C GLN A 227 22.05 1.17 -7.14
N GLY A 228 22.84 0.14 -6.83
CA GLY A 228 23.02 -0.32 -5.46
C GLY A 228 21.96 -1.23 -4.88
N ARG A 229 21.07 -1.76 -5.73
CA ARG A 229 20.07 -2.71 -5.26
CA ARG A 229 20.02 -2.68 -5.28
C ARG A 229 19.62 -3.68 -6.35
N ALA A 230 18.84 -4.69 -5.94
CA ALA A 230 18.42 -5.77 -6.82
C ALA A 230 17.47 -5.24 -7.90
N PRO A 231 17.38 -5.94 -9.04
CA PRO A 231 16.51 -5.50 -10.13
C PRO A 231 15.03 -5.40 -9.78
N LEU A 232 14.34 -4.54 -10.52
CA LEU A 232 12.89 -4.38 -10.46
C LEU A 232 12.30 -4.78 -11.80
N VAL A 233 11.04 -5.19 -11.76
CA VAL A 233 10.24 -5.33 -12.96
C VAL A 233 9.05 -4.39 -12.79
N LEU A 234 8.77 -3.58 -13.82
CA LEU A 234 7.70 -2.59 -13.73
C LEU A 234 6.86 -2.60 -14.99
N VAL A 235 5.54 -2.73 -14.84
CA VAL A 235 4.61 -2.64 -15.96
C VAL A 235 3.72 -1.42 -15.76
N THR A 236 3.58 -0.60 -16.80
CA THR A 236 2.67 0.54 -16.72
C THR A 236 1.81 0.52 -17.97
N TYR A 237 0.51 0.34 -17.76
CA TYR A 237 -0.49 0.30 -18.83
C TYR A 237 -1.43 1.49 -18.66
N PHE A 238 -1.82 2.10 -19.77
CA PHE A 238 -2.70 3.27 -19.74
C PHE A 238 -3.62 3.27 -20.95
N THR A 239 -4.90 3.54 -20.72
CA THR A 239 -5.85 3.59 -21.81
C THR A 239 -6.91 4.66 -21.53
N GLN A 240 -7.51 5.19 -22.58
CA GLN A 240 -8.38 6.36 -22.48
C GLN A 240 -9.75 6.09 -23.09
N PRO A 241 -10.76 6.90 -22.73
CA PRO A 241 -12.14 6.61 -23.14
C PRO A 241 -12.51 6.84 -24.60
N GLN A 242 -11.74 7.67 -25.32
CA GLN A 242 -12.08 7.98 -26.71
C GLN A 242 -11.13 7.34 -27.72
N GLN A 243 -11.70 6.82 -28.80
CA GLN A 243 -10.94 6.03 -29.78
C GLN A 243 -9.72 6.76 -30.32
N ASN A 244 -9.85 8.07 -30.54
CA ASN A 244 -8.76 8.82 -31.17
C ASN A 244 -7.94 9.65 -30.18
N ALA A 245 -7.94 9.25 -28.92
CA ALA A 245 -7.17 9.93 -27.90
C ALA A 245 -5.67 9.91 -28.23
N GLU A 246 -4.96 10.94 -27.79
CA GLU A 246 -3.51 11.05 -28.00
C GLU A 246 -2.74 10.14 -27.06
N SER A 247 -1.57 9.71 -27.48
CA SER A 247 -0.65 8.96 -26.59
C SER A 247 -0.23 9.80 -25.39
N ARG A 248 -0.01 9.15 -24.25
CA ARG A 248 0.45 9.84 -23.06
C ARG A 248 1.62 9.13 -22.41
N ARG A 249 2.78 9.15 -23.08
CA ARG A 249 3.97 8.51 -22.49
C ARG A 249 4.40 9.17 -21.18
N ASP A 250 4.10 10.47 -21.07
CA ASP A 250 4.39 11.22 -19.85
C ASP A 250 3.69 10.64 -18.62
N VAL A 251 2.52 10.04 -18.81
CA VAL A 251 1.79 9.42 -17.70
C VAL A 251 2.56 8.18 -17.21
N LEU A 252 3.15 7.45 -18.14
CA LEU A 252 3.93 6.28 -17.76
C LEU A 252 5.20 6.72 -17.02
N ALA A 253 5.81 7.80 -17.50
CA ALA A 253 6.99 8.35 -16.82
C ALA A 253 6.66 8.79 -15.40
N SER A 254 5.52 9.47 -15.25
CA SER A 254 5.06 9.90 -13.94
C SER A 254 4.80 8.73 -13.00
N ALA A 255 4.13 7.70 -13.52
CA ALA A 255 3.93 6.48 -12.74
C ALA A 255 5.24 5.88 -12.26
N ALA A 256 6.22 5.81 -13.18
CA ALA A 256 7.53 5.25 -12.83
C ALA A 256 8.24 6.10 -11.79
N ARG A 257 8.11 7.42 -11.91
CA ARG A 257 8.71 8.32 -10.93
C ARG A 257 8.11 8.12 -9.55
N ILE A 258 6.78 7.99 -9.48
CA ILE A 258 6.10 7.70 -8.21
C ILE A 258 6.61 6.41 -7.57
N ILE A 259 6.73 5.35 -8.38
CA ILE A 259 7.26 4.08 -7.93
C ILE A 259 8.70 4.22 -7.42
N ALA A 260 9.54 4.94 -8.18
CA ALA A 260 10.95 5.07 -7.84
C ALA A 260 11.15 5.80 -6.51
N GLU A 261 10.39 6.87 -6.29
CA GLU A 261 10.49 7.66 -5.07
CA GLU A 261 10.49 7.65 -5.07
C GLU A 261 9.91 6.90 -3.87
N GLY A 262 9.08 5.90 -4.12
CA GLY A 262 8.47 5.09 -3.08
C GLY A 262 9.34 3.93 -2.62
N LEU A 263 10.46 3.73 -3.29
CA LEU A 263 11.40 2.69 -2.92
C LEU A 263 12.26 3.16 -1.74
N SER B 3 12.80 -12.61 31.16
CA SER B 3 12.43 -12.45 32.60
C SER B 3 11.19 -13.27 32.97
N ALA B 4 10.78 -13.22 34.23
CA ALA B 4 9.53 -13.83 34.68
C ALA B 4 8.34 -13.19 33.97
N VAL B 5 8.23 -11.87 34.05
CA VAL B 5 7.14 -11.13 33.39
C VAL B 5 7.09 -11.44 31.89
N GLN B 6 8.25 -11.50 31.25
CA GLN B 6 8.33 -11.85 29.82
C GLN B 6 7.76 -13.23 29.55
N GLN B 7 8.07 -14.19 30.42
CA GLN B 7 7.54 -15.56 30.30
C GLN B 7 6.02 -15.55 30.38
N LYS B 8 5.50 -14.81 31.36
CA LYS B 8 4.05 -14.74 31.59
C LYS B 8 3.32 -14.10 30.41
N LEU B 9 3.89 -13.03 29.85
CA LEU B 9 3.29 -12.35 28.71
C LEU B 9 3.32 -13.18 27.44
N ALA B 10 4.43 -13.90 27.22
CA ALA B 10 4.53 -14.80 26.09
C ALA B 10 3.48 -15.92 26.19
N ALA B 11 3.32 -16.45 27.40
CA ALA B 11 2.36 -17.52 27.65
C ALA B 11 0.94 -17.04 27.39
N LEU B 12 0.62 -15.83 27.86
CA LEU B 12 -0.69 -15.24 27.60
C LEU B 12 -0.93 -15.05 26.10
N GLU B 13 0.08 -14.51 25.41
CA GLU B 13 -0.05 -14.34 23.97
C GLU B 13 -0.31 -15.68 23.28
N LYS B 14 0.43 -16.71 23.68
CA LYS B 14 0.23 -18.06 23.17
C LYS B 14 -1.22 -18.50 23.27
N SER B 15 -1.80 -18.37 24.47
CA SER B 15 -3.18 -18.81 24.70
C SER B 15 -4.18 -17.95 23.90
N SER B 16 -3.84 -16.69 23.69
CA SER B 16 -4.76 -15.73 23.05
C SER B 16 -4.99 -15.98 21.57
N GLY B 17 -4.02 -16.61 20.92
CA GLY B 17 -4.04 -16.82 19.46
C GLY B 17 -3.77 -15.58 18.62
N GLY B 18 -3.51 -14.45 19.28
CA GLY B 18 -3.26 -13.18 18.57
C GLY B 18 -1.88 -12.61 18.81
N ARG B 19 -1.77 -11.31 18.57
CA ARG B 19 -0.51 -10.58 18.71
C ARG B 19 -0.71 -9.49 19.75
N LEU B 20 0.10 -9.58 20.82
CA LEU B 20 -0.01 -8.73 21.99
C LEU B 20 1.16 -7.76 22.06
N GLY B 21 0.85 -6.50 22.35
CA GLY B 21 1.87 -5.48 22.55
C GLY B 21 1.65 -4.80 23.89
N VAL B 22 2.71 -4.68 24.66
CA VAL B 22 2.63 -4.11 26.01
C VAL B 22 3.79 -3.16 26.20
N ALA B 23 3.50 -1.99 26.77
CA ALA B 23 4.54 -1.10 27.24
C ALA B 23 4.13 -0.51 28.57
N LEU B 24 4.96 -0.75 29.58
CA LEU B 24 4.81 -0.16 30.89
C LEU B 24 5.92 0.85 31.13
N ILE B 25 5.57 2.00 31.70
CA ILE B 25 6.55 2.86 32.33
C ILE B 25 6.19 3.00 33.80
N ASP B 26 7.13 2.65 34.68
CA ASP B 26 6.93 2.84 36.11
C ASP B 26 7.64 4.13 36.47
N THR B 27 6.88 5.17 36.80
CA THR B 27 7.50 6.47 37.12
C THR B 27 8.19 6.49 38.50
N ALA B 28 8.04 5.43 39.29
CA ALA B 28 8.80 5.31 40.56
C ALA B 28 10.30 5.32 40.33
N ASP B 29 10.72 4.67 39.25
CA ASP B 29 12.14 4.46 38.98
C ASP B 29 12.50 4.50 37.49
N ASN B 30 11.53 4.91 36.66
CA ASN B 30 11.75 5.01 35.20
C ASN B 30 12.09 3.67 34.54
N THR B 31 11.69 2.57 35.18
CA THR B 31 11.85 1.26 34.58
C THR B 31 10.70 0.96 33.63
N GLN B 32 10.91 -0.01 32.75
CA GLN B 32 9.96 -0.35 31.69
C GLN B 32 9.78 -1.85 31.57
N VAL B 33 8.61 -2.25 31.10
CA VAL B 33 8.38 -3.61 30.63
C VAL B 33 7.83 -3.47 29.22
N LEU B 34 8.48 -4.17 28.28
CA LEU B 34 8.15 -4.06 26.86
C LEU B 34 7.95 -5.45 26.28
N TYR B 35 6.84 -5.62 25.56
CA TYR B 35 6.55 -6.87 24.85
C TYR B 35 6.03 -6.44 23.48
N ARG B 36 6.78 -6.79 22.42
CA ARG B 36 6.51 -6.26 21.08
C ARG B 36 6.38 -4.74 21.15
N GLY B 37 7.22 -4.13 21.99
CA GLY B 37 7.15 -2.69 22.26
C GLY B 37 7.35 -1.78 21.05
N ASP B 38 8.08 -2.28 20.06
CA ASP B 38 8.38 -1.50 18.85
C ASP B 38 7.64 -1.95 17.60
N GLU B 39 6.69 -2.87 17.75
CA GLU B 39 5.81 -3.25 16.64
C GLU B 39 4.64 -2.30 16.53
N ARG B 40 4.21 -2.01 15.30
CA ARG B 40 3.03 -1.18 15.08
C ARG B 40 1.76 -1.98 15.30
N PHE B 41 0.78 -1.31 15.91
CA PHE B 41 -0.56 -1.85 16.13
C PHE B 41 -1.58 -0.79 15.72
N PRO B 42 -2.73 -1.23 15.20
CA PRO B 42 -3.79 -0.26 14.92
C PRO B 42 -4.28 0.31 16.24
N MET B 43 -4.35 1.63 16.33
CA MET B 43 -4.73 2.31 17.57
C MET B 43 -6.23 2.21 17.85
N CYS B 44 -7.02 2.20 16.79
CA CYS B 44 -8.48 2.32 16.90
C CYS B 44 -8.83 3.49 17.84
N SER B 45 -9.84 3.36 18.69
CA SER B 45 -10.26 4.53 19.49
C SER B 45 -9.25 5.06 20.50
N THR B 46 -8.13 4.37 20.71
CA THR B 46 -7.11 4.94 21.59
C THR B 46 -6.52 6.23 21.02
N SER B 47 -6.63 6.39 19.69
CA SER B 47 -6.20 7.62 19.04
C SER B 47 -6.99 8.88 19.46
N LYS B 48 -8.15 8.69 20.08
CA LYS B 48 -8.95 9.81 20.59
C LYS B 48 -8.18 10.59 21.64
N VAL B 49 -7.28 9.92 22.36
CA VAL B 49 -6.48 10.65 23.35
C VAL B 49 -5.60 11.72 22.68
N MET B 50 -4.97 11.39 21.55
CA MET B 50 -4.13 12.36 20.87
CA MET B 50 -4.13 12.35 20.84
C MET B 50 -4.95 13.50 20.27
N ALA B 51 -6.14 13.19 19.76
CA ALA B 51 -6.99 14.22 19.18
C ALA B 51 -7.49 15.19 20.26
N ALA B 52 -7.97 14.64 21.38
CA ALA B 52 -8.43 15.49 22.49
C ALA B 52 -7.27 16.33 23.05
N ALA B 53 -6.11 15.70 23.21
CA ALA B 53 -4.92 16.40 23.71
C ALA B 53 -4.54 17.54 22.77
N ALA B 54 -4.60 17.29 21.46
CA ALA B 54 -4.27 18.31 20.45
C ALA B 54 -5.19 19.53 20.53
N VAL B 55 -6.49 19.29 20.77
CA VAL B 55 -7.44 20.40 20.95
C VAL B 55 -7.17 21.13 22.27
N LEU B 56 -6.82 20.36 23.31
CA LEU B 56 -6.41 20.97 24.58
C LEU B 56 -5.21 21.88 24.37
N LYS B 57 -4.23 21.44 23.57
CA LYS B 57 -3.05 22.28 23.28
C LYS B 57 -3.48 23.56 22.56
N GLN B 58 -4.38 23.42 21.59
CA GLN B 58 -4.90 24.59 20.89
C GLN B 58 -5.53 25.58 21.86
N SER B 59 -6.24 25.05 22.86
CA SER B 59 -6.96 25.91 23.82
C SER B 59 -6.02 26.66 24.77
N GLU B 60 -4.74 26.29 24.78
CA GLU B 60 -3.74 27.01 25.58
C GLU B 60 -3.54 28.41 25.05
N THR B 61 -3.73 28.61 23.74
CA THR B 61 -3.57 29.92 23.13
C THR B 61 -4.86 30.51 22.56
N GLN B 62 -5.79 29.64 22.16
CA GLN B 62 -7.17 30.04 21.83
C GLN B 62 -8.03 29.83 23.06
N LYS B 63 -8.04 30.81 23.94
CA LYS B 63 -8.50 30.62 25.32
C LYS B 63 -9.95 30.16 25.54
N GLN B 64 -10.84 30.50 24.62
CA GLN B 64 -12.25 30.12 24.75
C GLN B 64 -12.62 28.99 23.80
N LEU B 65 -11.61 28.36 23.20
CA LEU B 65 -11.85 27.34 22.18
C LEU B 65 -12.76 26.19 22.64
N LEU B 66 -12.60 25.75 23.88
CA LEU B 66 -13.38 24.60 24.35
C LEU B 66 -14.87 24.90 24.47
N ASN B 67 -15.22 26.19 24.47
CA ASN B 67 -16.61 26.60 24.57
C ASN B 67 -17.29 26.81 23.23
N GLN B 68 -16.53 26.68 22.15
CA GLN B 68 -17.03 26.93 20.80
C GLN B 68 -18.05 25.87 20.39
N PRO B 69 -19.27 26.30 20.01
CA PRO B 69 -20.28 25.33 19.56
C PRO B 69 -19.92 24.77 18.19
N VAL B 70 -20.17 23.47 18.02
CA VAL B 70 -19.95 22.79 16.75
C VAL B 70 -21.27 22.15 16.33
N GLU B 71 -21.69 22.38 15.09
CA GLU B 71 -22.94 21.82 14.58
C GLU B 71 -22.83 20.33 14.34
N ILE B 72 -23.86 19.60 14.79
CA ILE B 72 -23.97 18.17 14.51
C ILE B 72 -25.13 17.96 13.53
N LYS B 73 -24.83 17.49 12.32
CA LYS B 73 -25.84 17.26 11.28
C LYS B 73 -26.17 15.78 11.23
N PRO B 74 -27.39 15.40 10.77
CA PRO B 74 -27.69 13.99 10.60
C PRO B 74 -26.63 13.26 9.76
N ALA B 75 -26.12 13.92 8.73
CA ALA B 75 -25.12 13.34 7.84
C ALA B 75 -23.78 13.04 8.53
N ASP B 76 -23.52 13.73 9.66
CA ASP B 76 -22.27 13.55 10.41
C ASP B 76 -22.20 12.24 11.17
N LEU B 77 -23.35 11.64 11.47
CA LEU B 77 -23.36 10.46 12.32
C LEU B 77 -22.70 9.29 11.61
N VAL B 78 -21.82 8.61 12.33
CA VAL B 78 -21.16 7.43 11.79
C VAL B 78 -21.66 6.17 12.50
N ASN B 79 -20.77 5.25 12.86
CA ASN B 79 -21.21 3.94 13.32
C ASN B 79 -21.40 3.77 14.84
N TYR B 80 -21.03 4.77 15.62
CA TYR B 80 -21.10 4.65 17.07
C TYR B 80 -21.11 6.04 17.68
N ASN B 81 -22.32 6.50 18.01
CA ASN B 81 -22.54 7.90 18.33
C ASN B 81 -23.45 8.07 19.56
N PRO B 82 -23.08 7.46 20.70
CA PRO B 82 -23.97 7.42 21.86
C PRO B 82 -24.34 8.79 22.40
N ILE B 83 -23.43 9.75 22.24
CA ILE B 83 -23.67 11.12 22.71
C ILE B 83 -24.15 12.02 21.57
N ALA B 84 -23.47 11.98 20.44
CA ALA B 84 -23.76 12.91 19.35
C ALA B 84 -25.17 12.73 18.77
N GLU B 85 -25.71 11.51 18.83
CA GLU B 85 -27.04 11.27 18.23
C GLU B 85 -28.10 12.08 18.97
N LYS B 86 -27.84 12.40 20.24
CA LYS B 86 -28.78 13.19 21.04
C LYS B 86 -28.80 14.65 20.61
N HIS B 87 -27.75 15.08 19.90
CA HIS B 87 -27.56 16.50 19.60
C HIS B 87 -27.62 16.79 18.11
N VAL B 88 -28.08 15.83 17.31
CA VAL B 88 -28.24 16.05 15.87
C VAL B 88 -29.18 17.25 15.67
N ASN B 89 -28.88 18.04 14.63
CA ASN B 89 -29.61 19.30 14.36
C ASN B 89 -29.46 20.33 15.49
N GLY B 90 -28.43 20.13 16.29
CA GLY B 90 -28.07 21.06 17.35
C GLY B 90 -26.56 21.22 17.39
N THR B 91 -26.04 21.60 18.55
CA THR B 91 -24.61 21.82 18.69
C THR B 91 -24.06 21.15 19.95
N MET B 92 -22.75 20.92 19.93
CA MET B 92 -21.99 20.52 21.11
C MET B 92 -20.74 21.37 21.13
N THR B 93 -20.24 21.72 22.32
CA THR B 93 -18.98 22.44 22.41
C THR B 93 -17.79 21.51 22.21
N LEU B 94 -16.63 22.08 21.92
CA LEU B 94 -15.44 21.25 21.79
C LEU B 94 -15.09 20.51 23.08
N ALA B 95 -15.37 21.11 24.24
CA ALA B 95 -15.19 20.41 25.52
C ALA B 95 -16.14 19.20 25.59
N GLU B 96 -17.40 19.40 25.22
CA GLU B 96 -18.37 18.31 25.24
C GLU B 96 -18.01 17.21 24.25
N LEU B 97 -17.50 17.59 23.08
CA LEU B 97 -17.03 16.61 22.08
C LEU B 97 -15.81 15.83 22.56
N SER B 98 -14.89 16.53 23.23
CA SER B 98 -13.71 15.86 23.80
C SER B 98 -14.12 14.85 24.87
N ALA B 99 -15.03 15.27 25.75
CA ALA B 99 -15.53 14.37 26.79
C ALA B 99 -16.28 13.19 26.19
N ALA B 100 -17.08 13.45 25.15
CA ALA B 100 -17.82 12.37 24.51
C ALA B 100 -16.89 11.37 23.84
N ALA B 101 -15.87 11.88 23.14
CA ALA B 101 -14.86 11.02 22.51
C ALA B 101 -14.13 10.20 23.56
N LEU B 102 -13.64 10.86 24.60
CA LEU B 102 -12.83 10.15 25.59
C LEU B 102 -13.63 9.20 26.48
N GLN B 103 -14.76 9.65 27.00
CA GLN B 103 -15.43 8.90 28.06
C GLN B 103 -16.47 7.93 27.54
N TYR B 104 -16.92 8.12 26.30
CA TYR B 104 -17.94 7.27 25.72
C TYR B 104 -17.49 6.68 24.39
N SER B 105 -16.31 7.08 23.92
CA SER B 105 -15.76 6.55 22.65
C SER B 105 -16.65 6.89 21.45
N ASP B 106 -17.27 8.08 21.52
CA ASP B 106 -18.17 8.55 20.46
C ASP B 106 -17.39 8.90 19.19
N ASN B 107 -17.72 8.23 18.09
CA ASN B 107 -16.99 8.39 16.82
C ASN B 107 -17.33 9.66 16.07
N THR B 108 -18.57 10.13 16.19
CA THR B 108 -18.93 11.42 15.60
C THR B 108 -18.15 12.51 16.30
N ALA B 109 -18.07 12.43 17.63
CA ALA B 109 -17.27 13.39 18.40
C ALA B 109 -15.81 13.40 17.93
N MET B 110 -15.22 12.21 17.79
CA MET B 110 -13.85 12.12 17.27
C MET B 110 -13.73 12.83 15.91
N ASN B 111 -14.68 12.62 15.01
CA ASN B 111 -14.58 13.27 13.70
C ASN B 111 -14.62 14.79 13.78
N LYS B 112 -15.33 15.30 14.77
CA LYS B 112 -15.35 16.74 14.97
C LYS B 112 -14.00 17.26 15.51
N LEU B 113 -13.34 16.47 16.36
CA LEU B 113 -12.02 16.84 16.86
C LEU B 113 -11.01 16.85 15.73
N ILE B 114 -11.05 15.80 14.91
CA ILE B 114 -10.19 15.72 13.75
C ILE B 114 -10.42 16.92 12.81
N ALA B 115 -11.69 17.25 12.56
CA ALA B 115 -12.00 18.40 11.69
C ALA B 115 -11.45 19.72 12.25
N GLN B 116 -11.59 19.90 13.57
CA GLN B 116 -11.06 21.10 14.25
C GLN B 116 -9.55 21.25 14.04
N LEU B 117 -8.86 20.10 13.97
CA LEU B 117 -7.41 20.08 13.83
C LEU B 117 -6.95 20.14 12.36
N GLY B 118 -7.92 20.23 11.44
CA GLY B 118 -7.64 20.34 10.01
C GLY B 118 -7.49 19.02 9.28
N GLY B 119 -7.93 17.93 9.90
CA GLY B 119 -7.82 16.61 9.29
C GLY B 119 -6.92 15.71 10.10
N PRO B 120 -6.88 14.40 9.74
CA PRO B 120 -6.01 13.47 10.48
C PRO B 120 -4.55 13.94 10.59
N GLY B 121 -4.03 14.57 9.54
CA GLY B 121 -2.66 15.11 9.57
C GLY B 121 -2.43 16.14 10.67
N GLY B 122 -3.48 16.86 11.07
CA GLY B 122 -3.38 17.81 12.16
C GLY B 122 -3.15 17.11 13.49
N VAL B 123 -3.70 15.89 13.61
CA VAL B 123 -3.47 15.12 14.83
C VAL B 123 -2.03 14.63 14.85
N THR B 124 -1.56 14.15 13.70
CA THR B 124 -0.17 13.70 13.57
C THR B 124 0.79 14.85 13.83
N ALA B 125 0.45 16.03 13.31
CA ALA B 125 1.27 17.21 13.54
C ALA B 125 1.43 17.52 15.03
N PHE B 126 0.36 17.35 15.81
CA PHE B 126 0.46 17.58 17.25
C PHE B 126 1.41 16.55 17.88
N ALA B 127 1.29 15.29 17.46
CA ALA B 127 2.20 14.26 17.96
C ALA B 127 3.64 14.66 17.72
N ARG B 128 3.93 15.11 16.49
CA ARG B 128 5.30 15.56 16.18
C ARG B 128 5.76 16.72 17.05
N ALA B 129 4.84 17.64 17.35
CA ALA B 129 5.13 18.82 18.16
C ALA B 129 5.54 18.48 19.58
N ILE B 130 5.04 17.35 20.10
CA ILE B 130 5.39 16.92 21.45
C ILE B 130 6.46 15.83 21.48
N GLY B 131 7.04 15.55 20.32
CA GLY B 131 8.21 14.69 20.24
C GLY B 131 7.91 13.23 19.91
N ASP B 132 6.67 12.95 19.51
CA ASP B 132 6.27 11.61 19.12
C ASP B 132 6.40 11.49 17.60
N GLU B 133 7.43 10.77 17.18
CA GLU B 133 7.76 10.59 15.76
CA GLU B 133 7.74 10.60 15.75
C GLU B 133 7.18 9.30 15.18
N THR B 134 6.44 8.57 16.00
CA THR B 134 5.94 7.24 15.64
C THR B 134 4.46 7.24 15.27
N PHE B 135 3.65 7.91 16.10
CA PHE B 135 2.22 8.03 15.91
C PHE B 135 1.88 8.52 14.52
N ARG B 136 0.86 7.93 13.90
CA ARG B 136 0.30 8.52 12.67
C ARG B 136 -1.20 8.29 12.64
N LEU B 137 -1.94 9.37 12.37
CA LEU B 137 -3.36 9.26 12.06
C LEU B 137 -3.53 9.62 10.59
N ASP B 138 -4.20 8.73 9.86
CA ASP B 138 -4.36 8.81 8.41
C ASP B 138 -5.80 8.98 7.96
N ARG B 139 -6.73 8.45 8.75
CA ARG B 139 -8.14 8.40 8.35
C ARG B 139 -9.05 8.87 9.47
N THR B 140 -10.29 9.19 9.10
CA THR B 140 -11.33 9.54 10.06
C THR B 140 -12.05 8.28 10.56
N GLU B 141 -13.02 8.46 11.45
CA GLU B 141 -13.94 7.37 11.82
C GLU B 141 -14.97 7.18 10.71
N PRO B 142 -15.32 5.93 10.39
CA PRO B 142 -14.89 4.68 11.01
C PRO B 142 -13.71 3.96 10.34
N THR B 143 -13.22 4.47 9.21
CA THR B 143 -12.24 3.69 8.45
C THR B 143 -10.89 3.55 9.12
N LEU B 144 -10.59 4.40 10.11
CA LEU B 144 -9.32 4.28 10.85
C LEU B 144 -9.22 2.95 11.62
N ASN B 145 -10.32 2.20 11.67
CA ASN B 145 -10.38 0.94 12.43
C ASN B 145 -10.27 -0.33 11.58
N THR B 146 -9.88 -0.22 10.32
CA THR B 146 -9.80 -1.41 9.48
C THR B 146 -8.79 -2.44 9.99
N ALA B 147 -7.73 -1.96 10.66
CA ALA B 147 -6.77 -2.84 11.35
C ALA B 147 -6.17 -3.93 10.46
N ILE B 148 -5.93 -3.60 9.20
CA ILE B 148 -5.42 -4.59 8.23
C ILE B 148 -3.98 -4.97 8.57
N PRO B 149 -3.71 -6.29 8.67
CA PRO B 149 -2.33 -6.70 8.96
C PRO B 149 -1.36 -6.12 7.93
N GLY B 150 -0.26 -5.55 8.42
CA GLY B 150 0.77 -4.97 7.57
C GLY B 150 0.57 -3.50 7.21
N ASP B 151 -0.63 -2.97 7.49
CA ASP B 151 -0.99 -1.60 7.13
C ASP B 151 -0.49 -0.61 8.20
N PRO B 152 0.40 0.33 7.83
CA PRO B 152 0.89 1.27 8.83
C PRO B 152 -0.09 2.41 9.17
N ARG B 153 -1.16 2.57 8.39
CA ARG B 153 -2.05 3.69 8.64
C ARG B 153 -2.69 3.59 10.02
N ASP B 154 -2.79 4.71 10.72
CA ASP B 154 -3.51 4.76 12.00
C ASP B 154 -2.92 3.80 13.04
N THR B 155 -1.59 3.74 13.06
CA THR B 155 -0.88 2.89 14.00
C THR B 155 0.12 3.67 14.84
N THR B 156 0.51 3.04 15.94
CA THR B 156 1.70 3.46 16.67
C THR B 156 2.28 2.22 17.33
N THR B 157 3.37 2.39 18.06
CA THR B 157 3.96 1.29 18.81
C THR B 157 3.62 1.48 20.30
N PRO B 158 3.55 0.37 21.05
CA PRO B 158 3.32 0.51 22.48
C PRO B 158 4.36 1.40 23.18
N ARG B 159 5.63 1.25 22.85
CA ARG B 159 6.67 2.08 23.46
C ARG B 159 6.39 3.57 23.23
N ALA B 160 6.11 3.95 21.97
CA ALA B 160 5.86 5.37 21.67
C ALA B 160 4.60 5.88 22.37
N MET B 161 3.54 5.07 22.38
CA MET B 161 2.29 5.51 23.01
CA MET B 161 2.28 5.52 23.00
C MET B 161 2.39 5.68 24.52
N ALA B 162 3.09 4.77 25.18
CA ALA B 162 3.30 4.88 26.64
C ALA B 162 4.09 6.15 26.95
N GLN B 163 5.14 6.40 26.15
CA GLN B 163 5.95 7.59 26.38
C GLN B 163 5.10 8.85 26.19
N THR B 164 4.35 8.88 25.10
CA THR B 164 3.47 10.02 24.85
C THR B 164 2.40 10.19 25.95
N LEU B 165 1.75 9.09 26.34
CA LEU B 165 0.74 9.19 27.40
C LEU B 165 1.35 9.71 28.71
N ARG B 166 2.58 9.29 29.02
CA ARG B 166 3.27 9.84 30.20
C ARG B 166 3.43 11.36 30.07
N GLN B 167 3.94 11.80 28.92
CA GLN B 167 4.13 13.24 28.69
C GLN B 167 2.82 14.03 28.82
N LEU B 168 1.72 13.47 28.30
CA LEU B 168 0.43 14.15 28.29
C LEU B 168 -0.21 14.25 29.66
N THR B 169 -0.10 13.18 30.44
CA THR B 169 -0.85 13.06 31.70
C THR B 169 -0.02 13.35 32.94
N LEU B 170 1.29 13.11 32.87
CA LEU B 170 2.17 13.28 34.04
C LEU B 170 3.30 14.27 33.79
N GLY B 171 3.56 14.57 32.52
CA GLY B 171 4.63 15.47 32.16
C GLY B 171 4.13 16.81 31.67
N HIS B 172 4.83 17.37 30.68
CA HIS B 172 4.64 18.78 30.31
C HIS B 172 4.36 19.01 28.83
N ALA B 173 3.77 18.01 28.18
CA ALA B 173 3.31 18.20 26.81
C ALA B 173 2.22 19.26 26.78
N LEU B 174 1.39 19.30 27.83
CA LEU B 174 0.29 20.26 27.96
C LEU B 174 0.52 21.22 29.12
N GLY B 175 -0.14 22.37 29.07
CA GLY B 175 -0.18 23.30 30.21
C GLY B 175 -0.85 22.63 31.40
N GLU B 176 -0.57 23.11 32.61
CA GLU B 176 -1.07 22.45 33.82
C GLU B 176 -2.58 22.23 33.82
N THR B 177 -3.34 23.28 33.49
CA THR B 177 -4.80 23.17 33.49
C THR B 177 -5.29 22.14 32.47
N GLN B 178 -4.61 22.09 31.32
CA GLN B 178 -4.99 21.16 30.25
C GLN B 178 -4.59 19.74 30.60
N ARG B 179 -3.42 19.56 31.23
CA ARG B 179 -3.03 18.24 31.74
CA ARG B 179 -3.03 18.24 31.73
C ARG B 179 -4.09 17.74 32.72
N ALA B 180 -4.49 18.61 33.65
CA ALA B 180 -5.48 18.24 34.65
C ALA B 180 -6.80 17.87 34.00
N GLN B 181 -7.20 18.65 33.01
CA GLN B 181 -8.44 18.36 32.30
C GLN B 181 -8.39 17.01 31.60
N LEU B 182 -7.25 16.70 30.98
CA LEU B 182 -7.11 15.41 30.29
C LEU B 182 -7.20 14.26 31.28
N VAL B 183 -6.52 14.39 32.42
CA VAL B 183 -6.55 13.36 33.46
C VAL B 183 -7.97 13.20 34.00
N THR B 184 -8.64 14.31 34.28
CA THR B 184 -10.04 14.27 34.73
C THR B 184 -10.94 13.51 33.75
N TRP B 185 -10.77 13.80 32.47
CA TRP B 185 -11.56 13.09 31.46
C TRP B 185 -11.29 11.59 31.47
N LEU B 186 -10.00 11.21 31.48
CA LEU B 186 -9.62 9.79 31.47
C LEU B 186 -10.11 9.06 32.72
N LYS B 187 -10.03 9.72 33.88
CA LYS B 187 -10.48 9.11 35.14
C LYS B 187 -12.01 8.92 35.14
N GLY B 188 -12.72 9.67 34.31
CA GLY B 188 -14.17 9.54 34.18
C GLY B 188 -14.61 8.62 33.05
N ASN B 189 -13.67 7.88 32.46
CA ASN B 189 -14.03 6.95 31.40
C ASN B 189 -15.14 5.98 31.85
N THR B 190 -16.08 5.71 30.94
CA THR B 190 -17.14 4.73 31.19
C THR B 190 -16.88 3.35 30.60
N THR B 191 -15.91 3.24 29.70
CA THR B 191 -15.76 2.00 28.90
C THR B 191 -14.69 1.01 29.37
N GLY B 192 -14.04 1.29 30.51
CA GLY B 192 -12.79 0.60 30.83
C GLY B 192 -12.76 -0.51 31.85
N ALA B 193 -13.89 -0.82 32.48
CA ALA B 193 -13.87 -1.73 33.63
C ALA B 193 -13.48 -3.17 33.31
N ALA B 194 -13.59 -3.58 32.04
CA ALA B 194 -13.26 -4.95 31.60
C ALA B 194 -11.84 -5.10 31.04
N SER B 195 -11.13 -3.99 30.89
CA SER B 195 -9.84 -3.99 30.19
C SER B 195 -8.66 -3.91 31.18
N ILE B 196 -7.70 -3.01 30.99
CA ILE B 196 -6.54 -2.93 31.89
C ILE B 196 -6.97 -2.92 33.36
N ARG B 197 -7.98 -2.11 33.65
CA ARG B 197 -8.36 -1.86 35.04
C ARG B 197 -8.92 -3.11 35.74
N ALA B 198 -9.47 -4.05 34.96
CA ALA B 198 -9.94 -5.32 35.53
C ALA B 198 -8.81 -6.17 36.11
N GLY B 199 -7.57 -5.91 35.70
CA GLY B 199 -6.43 -6.67 36.19
C GLY B 199 -5.67 -6.02 37.33
N LEU B 200 -6.18 -4.87 37.80
CA LEU B 200 -5.51 -4.10 38.84
C LEU B 200 -6.16 -4.31 40.20
N PRO B 201 -5.37 -4.23 41.29
CA PRO B 201 -5.98 -4.18 42.63
C PRO B 201 -7.02 -3.07 42.71
N THR B 202 -8.16 -3.35 43.33
CA THR B 202 -9.28 -2.40 43.31
C THR B 202 -9.00 -1.10 44.08
N SER B 203 -8.06 -1.13 45.02
CA SER B 203 -7.66 0.06 45.79
C SER B 203 -6.94 1.11 44.94
N TRP B 204 -6.42 0.71 43.78
CA TRP B 204 -5.71 1.62 42.90
C TRP B 204 -6.72 2.48 42.14
N THR B 205 -6.28 3.64 41.68
CA THR B 205 -7.14 4.44 40.81
C THR B 205 -6.48 4.55 39.44
N ALA B 206 -7.28 4.84 38.43
CA ALA B 206 -6.76 4.89 37.08
C ALA B 206 -7.67 5.69 36.17
N GLY B 207 -7.10 6.15 35.07
CA GLY B 207 -7.87 6.64 33.93
C GLY B 207 -7.42 5.85 32.71
N ASP B 208 -8.31 5.66 31.74
CA ASP B 208 -7.93 4.88 30.57
C ASP B 208 -8.74 5.26 29.35
N LYS B 209 -8.25 4.80 28.19
CA LYS B 209 -9.00 4.95 26.95
C LYS B 209 -8.90 3.63 26.19
N THR B 210 -10.05 3.01 25.97
CA THR B 210 -10.13 1.75 25.24
C THR B 210 -10.20 1.99 23.74
N GLY B 211 -10.03 0.91 22.96
CA GLY B 211 -10.35 0.95 21.53
C GLY B 211 -10.61 -0.44 21.02
N SER B 212 -11.35 -0.55 19.92
CA SER B 212 -11.48 -1.84 19.26
C SER B 212 -11.75 -1.60 17.79
N GLY B 213 -11.56 -2.64 16.99
CA GLY B 213 -11.78 -2.52 15.56
C GLY B 213 -11.79 -3.89 14.92
N ASP B 214 -11.62 -3.92 13.59
CA ASP B 214 -11.60 -5.20 12.88
C ASP B 214 -10.39 -6.03 13.28
N TYR B 215 -10.34 -7.28 12.80
CA TYR B 215 -9.31 -8.24 13.22
C TYR B 215 -9.29 -8.44 14.73
N GLY B 216 -10.48 -8.29 15.35
CA GLY B 216 -10.62 -8.48 16.80
C GLY B 216 -9.67 -7.60 17.58
N THR B 217 -9.36 -6.42 17.03
CA THR B 217 -8.43 -5.51 17.68
C THR B 217 -9.05 -5.01 18.98
N THR B 218 -8.30 -5.14 20.07
CA THR B 218 -8.80 -4.79 21.39
C THR B 218 -7.67 -4.11 22.13
N ASN B 219 -7.85 -2.83 22.45
CA ASN B 219 -6.78 -1.99 22.98
C ASN B 219 -7.18 -1.24 24.23
N ASP B 220 -6.20 -0.83 25.01
CA ASP B 220 -6.44 0.05 26.16
C ASP B 220 -5.16 0.73 26.51
N ILE B 221 -5.25 2.02 26.83
CA ILE B 221 -4.09 2.77 27.33
C ILE B 221 -4.51 3.44 28.64
N ALA B 222 -3.63 3.40 29.65
CA ALA B 222 -4.00 3.80 30.99
C ALA B 222 -2.90 4.54 31.73
N VAL B 223 -3.31 5.47 32.59
CA VAL B 223 -2.44 6.03 33.60
C VAL B 223 -2.99 5.55 34.95
N ILE B 224 -2.10 5.07 35.80
CA ILE B 224 -2.51 4.31 36.97
C ILE B 224 -1.82 4.86 38.21
N TRP B 225 -2.60 5.07 39.28
CA TRP B 225 -2.05 5.51 40.56
C TRP B 225 -2.20 4.38 41.56
N PRO B 226 -1.13 3.56 41.72
CA PRO B 226 -1.20 2.49 42.70
C PRO B 226 -1.28 3.06 44.10
N GLN B 227 -1.83 2.29 45.02
CA GLN B 227 -1.86 2.73 46.41
C GLN B 227 -0.43 2.70 46.94
N GLY B 228 0.01 3.85 47.44
CA GLY B 228 1.30 3.93 48.13
C GLY B 228 2.52 4.24 47.30
N ARG B 229 2.35 4.31 45.98
CA ARG B 229 3.51 4.50 45.10
C ARG B 229 3.26 5.43 43.90
N ALA B 230 4.33 5.71 43.16
CA ALA B 230 4.27 6.64 42.03
C ALA B 230 3.47 6.04 40.87
N PRO B 231 2.88 6.89 40.01
CA PRO B 231 2.03 6.36 38.93
C PRO B 231 2.74 5.49 37.90
N LEU B 232 1.93 4.70 37.21
CA LEU B 232 2.36 3.86 36.09
C LEU B 232 1.64 4.34 34.82
N VAL B 233 2.29 4.14 33.68
CA VAL B 233 1.62 4.29 32.39
C VAL B 233 1.69 2.93 31.73
N LEU B 234 0.54 2.45 31.24
CA LEU B 234 0.50 1.10 30.68
C LEU B 234 -0.29 1.10 29.38
N VAL B 235 0.31 0.56 28.32
CA VAL B 235 -0.36 0.42 27.03
C VAL B 235 -0.49 -1.07 26.76
N THR B 236 -1.69 -1.53 26.41
CA THR B 236 -1.89 -2.92 26.01
C THR B 236 -2.65 -2.94 24.69
N TYR B 237 -2.01 -3.44 23.64
CA TYR B 237 -2.60 -3.50 22.31
C TYR B 237 -2.73 -4.97 21.93
N PHE B 238 -3.79 -5.33 21.24
CA PHE B 238 -4.02 -6.72 20.87
C PHE B 238 -4.76 -6.79 19.55
N THR B 239 -4.29 -7.66 18.66
CA THR B 239 -4.97 -7.85 17.38
C THR B 239 -4.85 -9.31 16.95
N GLN B 240 -5.77 -9.76 16.08
CA GLN B 240 -5.93 -11.20 15.82
C GLN B 240 -5.89 -11.52 14.32
N PRO B 241 -5.70 -12.80 13.96
CA PRO B 241 -5.55 -13.15 12.54
C PRO B 241 -6.81 -13.03 11.67
N GLN B 242 -7.98 -13.23 12.28
CA GLN B 242 -9.25 -13.28 11.56
CA GLN B 242 -9.24 -13.27 11.53
C GLN B 242 -9.94 -11.91 11.55
N GLN B 243 -10.34 -11.44 10.35
CA GLN B 243 -10.97 -10.12 10.22
C GLN B 243 -12.18 -9.90 11.13
N ASN B 244 -12.98 -10.96 11.30
CA ASN B 244 -14.21 -10.92 12.08
CA ASN B 244 -14.20 -10.88 12.10
C ASN B 244 -14.06 -11.45 13.51
N ALA B 245 -12.82 -11.52 13.99
CA ALA B 245 -12.56 -12.03 15.34
C ALA B 245 -13.31 -11.23 16.43
N GLU B 246 -13.68 -11.92 17.51
CA GLU B 246 -14.31 -11.33 18.69
C GLU B 246 -13.32 -10.44 19.46
N SER B 247 -13.85 -9.44 20.17
CA SER B 247 -13.03 -8.64 21.10
C SER B 247 -12.54 -9.52 22.24
N ARG B 248 -11.37 -9.18 22.76
CA ARG B 248 -10.77 -9.92 23.87
C ARG B 248 -10.27 -8.96 24.95
N ARG B 249 -11.19 -8.25 25.59
CA ARG B 249 -10.79 -7.35 26.68
C ARG B 249 -10.12 -8.11 27.82
N ASP B 250 -10.48 -9.39 27.98
CA ASP B 250 -9.90 -10.24 29.01
C ASP B 250 -8.39 -10.41 28.84
N VAL B 251 -7.91 -10.35 27.59
CA VAL B 251 -6.47 -10.49 27.34
C VAL B 251 -5.74 -9.28 27.90
N LEU B 252 -6.37 -8.11 27.76
CA LEU B 252 -5.78 -6.87 28.27
C LEU B 252 -5.76 -6.88 29.80
N ALA B 253 -6.87 -7.33 30.40
CA ALA B 253 -6.95 -7.46 31.86
C ALA B 253 -5.87 -8.43 32.37
N SER B 254 -5.69 -9.54 31.67
CA SER B 254 -4.67 -10.52 32.03
C SER B 254 -3.27 -9.93 31.91
N ALA B 255 -3.04 -9.12 30.89
CA ALA B 255 -1.72 -8.49 30.73
C ALA B 255 -1.44 -7.54 31.89
N ALA B 256 -2.45 -6.75 32.26
CA ALA B 256 -2.31 -5.82 33.37
C ALA B 256 -2.09 -6.54 34.69
N ARG B 257 -2.70 -7.70 34.85
CA ARG B 257 -2.59 -8.47 36.09
C ARG B 257 -1.16 -8.97 36.24
N ILE B 258 -0.59 -9.44 35.13
CA ILE B 258 0.81 -9.88 35.10
C ILE B 258 1.76 -8.74 35.46
N ILE B 259 1.50 -7.57 34.88
CA ILE B 259 2.25 -6.36 35.19
C ILE B 259 2.12 -5.99 36.67
N ALA B 260 0.90 -5.97 37.20
CA ALA B 260 0.66 -5.56 38.58
C ALA B 260 1.30 -6.51 39.59
N GLU B 261 1.24 -7.81 39.30
CA GLU B 261 1.88 -8.87 40.09
CA GLU B 261 1.86 -8.81 40.15
C GLU B 261 3.39 -8.70 40.11
N GLY B 262 3.92 -8.19 38.99
CA GLY B 262 5.38 -8.03 38.81
C GLY B 262 5.99 -6.85 39.53
N LEU B 263 5.15 -5.92 39.98
CA LEU B 263 5.59 -4.76 40.74
C LEU B 263 6.07 -5.13 42.13
#